data_3MTQ
#
_entry.id   3MTQ
#
_cell.length_a   89.753
_cell.length_b   58.370
_cell.length_c   62.725
_cell.angle_alpha   90.000
_cell.angle_beta   119.370
_cell.angle_gamma   90.000
#
_symmetry.space_group_name_H-M   'C 1 2 1'
#
loop_
_entity.id
_entity.type
_entity.pdbx_description
1 polymer 'putative phosphoenolpyruvate-dependent sugar phosphotransferase system (PTS) permease'
2 water water
#
_entity_poly.entity_id   1
_entity_poly.type   'polypeptide(L)'
_entity_poly.pdbx_seq_one_letter_code
;(MSE)GSDKIHHHHHHENLYFQG(MSE)KRHYIFASHGSFANGLLNSVELILGKQPDIHTLCAYVEEEVDLTQQVEALVA
RFPAQDELIVITDIFAGSVNNEFVRFLSRPHFHLLSGLNLPLIIDLLISAAEDNTEKLITEALTNAKESIQYCNQTIASA
(MSE)T(MSE)DKDF
;
_entity_poly.pdbx_strand_id   A,B
#
# COMPACT_ATOMS: atom_id res chain seq x y z
N ASN A 14 -25.34 10.99 16.77
CA ASN A 14 -26.14 12.23 17.02
C ASN A 14 -26.24 13.16 15.79
N LEU A 15 -27.46 13.63 15.54
CA LEU A 15 -27.82 14.36 14.31
C LEU A 15 -27.09 15.69 14.14
N TYR A 16 -26.75 16.33 15.26
CA TYR A 16 -26.01 17.59 15.26
C TYR A 16 -25.01 17.56 16.42
N PHE A 17 -23.90 18.25 16.20
CA PHE A 17 -22.84 18.34 17.18
C PHE A 17 -21.85 19.41 16.73
N GLN A 18 -21.00 19.85 17.66
CA GLN A 18 -19.92 20.77 17.37
C GLN A 18 -18.79 20.00 16.69
N GLY A 19 -18.07 20.65 15.77
CA GLY A 19 -16.91 20.03 15.13
C GLY A 19 -17.29 19.22 13.88
N LYS A 21 -16.91 15.38 11.74
CA LYS A 21 -16.52 13.97 11.77
CA LYS A 21 -16.59 13.96 11.76
C LYS A 21 -15.83 13.63 10.47
N ARG A 22 -14.74 12.91 10.62
CA ARG A 22 -13.95 12.44 9.49
C ARG A 22 -14.08 10.92 9.45
N HIS A 23 -14.51 10.42 8.27
CA HIS A 23 -14.61 9.00 7.99
C HIS A 23 -13.62 8.64 6.88
N TYR A 24 -13.06 7.44 6.96
CA TYR A 24 -12.13 6.95 5.94
CA TYR A 24 -12.12 6.94 5.95
C TYR A 24 -12.67 5.69 5.27
N ILE A 25 -12.45 5.58 3.97
CA ILE A 25 -12.78 4.38 3.21
C ILE A 25 -11.46 3.93 2.54
N PHE A 26 -11.09 2.70 2.78
CA PHE A 26 -10.04 2.04 2.01
C PHE A 26 -10.76 1.20 1.00
N ALA A 27 -10.44 1.45 -0.28
CA ALA A 27 -11.08 0.75 -1.37
C ALA A 27 -10.08 0.07 -2.30
N SER A 28 -10.24 -1.23 -2.48
CA SER A 28 -9.27 -2.00 -3.29
C SER A 28 -9.87 -3.11 -4.12
N HIS A 29 -9.12 -3.50 -5.16
CA HIS A 29 -9.30 -4.80 -5.82
C HIS A 29 -8.95 -5.85 -4.78
N GLY A 30 -9.88 -6.74 -4.46
CA GLY A 30 -9.49 -7.76 -3.53
C GLY A 30 -9.32 -7.29 -2.10
N SER A 31 -8.66 -8.12 -1.30
CA SER A 31 -8.64 -7.96 0.14
C SER A 31 -7.55 -7.03 0.70
N PHE A 32 -6.80 -6.38 -0.21
CA PHE A 32 -5.82 -5.43 0.17
C PHE A 32 -6.32 -4.49 1.24
N ALA A 33 -7.47 -3.85 1.02
CA ALA A 33 -8.01 -2.83 1.95
C ALA A 33 -8.10 -3.38 3.42
N ASN A 34 -8.62 -4.61 3.58
CA ASN A 34 -8.63 -5.25 4.86
CA ASN A 34 -8.65 -5.22 4.89
C ASN A 34 -7.28 -5.57 5.47
N GLY A 35 -6.37 -6.07 4.64
CA GLY A 35 -5.01 -6.36 5.08
C GLY A 35 -4.27 -5.09 5.56
N LEU A 36 -4.45 -3.98 4.83
CA LEU A 36 -3.85 -2.69 5.21
C LEU A 36 -4.42 -2.16 6.54
N LEU A 37 -5.74 -2.25 6.70
CA LEU A 37 -6.37 -1.89 7.98
C LEU A 37 -5.80 -2.73 9.11
N ASN A 38 -5.50 -3.99 8.85
CA ASN A 38 -4.85 -4.86 9.84
C ASN A 38 -3.51 -4.30 10.29
N SER A 39 -2.68 -3.87 9.34
CA SER A 39 -1.40 -3.23 9.63
C SER A 39 -1.55 -2.01 10.54
N VAL A 40 -2.48 -1.15 10.15
CA VAL A 40 -2.74 0.13 10.80
C VAL A 40 -3.15 -0.13 12.24
N GLU A 41 -3.98 -1.15 12.43
CA GLU A 41 -4.53 -1.43 13.75
C GLU A 41 -3.54 -2.11 14.68
N LEU A 42 -2.63 -2.88 14.12
CA LEU A 42 -1.50 -3.42 14.87
C LEU A 42 -0.60 -2.30 15.34
N ILE A 43 -0.56 -1.23 14.58
CA ILE A 43 0.33 -0.12 14.97
C ILE A 43 -0.37 0.91 15.85
N LEU A 44 -1.57 1.37 15.48
CA LEU A 44 -2.26 2.48 16.15
C LEU A 44 -3.52 2.10 16.90
N GLY A 45 -3.76 0.79 17.03
CA GLY A 45 -5.00 0.28 17.64
C GLY A 45 -6.24 0.28 16.69
N LYS A 46 -7.33 -0.34 17.14
CA LYS A 46 -8.56 -0.46 16.35
C LYS A 46 -9.07 0.88 15.78
N GLN A 47 -9.56 0.82 14.56
CA GLN A 47 -9.96 2.02 13.84
C GLN A 47 -11.43 1.97 13.47
N PRO A 48 -12.29 2.42 14.39
CA PRO A 48 -13.72 2.38 14.20
C PRO A 48 -14.22 3.21 13.00
N ASP A 49 -13.48 4.26 12.60
CA ASP A 49 -13.91 5.10 11.50
C ASP A 49 -13.25 4.85 10.15
N ILE A 50 -12.56 3.71 10.02
CA ILE A 50 -12.06 3.26 8.71
C ILE A 50 -12.97 2.14 8.25
N HIS A 51 -13.53 2.30 7.06
CA HIS A 51 -14.39 1.32 6.46
C HIS A 51 -13.68 0.78 5.28
N THR A 52 -13.91 -0.48 4.95
CA THR A 52 -13.20 -1.05 3.81
C THR A 52 -14.17 -1.48 2.72
N LEU A 53 -13.79 -1.23 1.48
CA LEU A 53 -14.50 -1.78 0.35
C LEU A 53 -13.55 -2.71 -0.39
N CYS A 54 -13.87 -4.00 -0.43
CA CYS A 54 -13.02 -4.96 -1.14
C CYS A 54 -13.76 -5.53 -2.35
N ALA A 55 -13.36 -5.09 -3.52
CA ALA A 55 -14.01 -5.39 -4.80
C ALA A 55 -13.63 -6.74 -5.39
N TYR A 56 -14.58 -7.36 -6.07
CA TYR A 56 -14.32 -8.62 -6.78
C TYR A 56 -13.99 -9.79 -5.87
N VAL A 57 -14.45 -9.76 -4.62
CA VAL A 57 -14.32 -10.92 -3.76
C VAL A 57 -15.54 -11.83 -3.96
N GLU A 58 -16.64 -11.27 -4.48
CA GLU A 58 -17.92 -11.99 -4.66
C GLU A 58 -18.47 -11.83 -6.09
N GLU A 59 -18.60 -12.93 -6.82
CA GLU A 59 -19.13 -12.90 -8.18
C GLU A 59 -20.50 -12.19 -8.25
N GLU A 60 -21.30 -12.38 -7.20
CA GLU A 60 -22.69 -11.86 -7.11
C GLU A 60 -22.84 -10.33 -7.27
N VAL A 61 -22.28 -9.58 -6.32
CA VAL A 61 -22.49 -8.14 -6.23
C VAL A 61 -21.69 -7.32 -7.28
N ASP A 62 -22.35 -6.32 -7.86
CA ASP A 62 -21.72 -5.41 -8.83
C ASP A 62 -21.23 -4.15 -8.12
N LEU A 63 -20.25 -3.52 -8.77
CA LEU A 63 -19.39 -2.57 -8.10
C LEU A 63 -20.08 -1.23 -7.91
N THR A 64 -20.67 -0.73 -8.99
CA THR A 64 -21.31 0.58 -8.92
C THR A 64 -22.29 0.69 -7.78
N GLN A 65 -23.12 -0.34 -7.57
CA GLN A 65 -24.07 -0.35 -6.43
C GLN A 65 -23.41 -0.48 -5.06
N GLN A 66 -22.42 -1.38 -4.97
CA GLN A 66 -21.58 -1.55 -3.78
C GLN A 66 -21.03 -0.17 -3.41
N VAL A 67 -20.42 0.50 -4.37
CA VAL A 67 -19.82 1.81 -4.10
C VAL A 67 -20.83 2.87 -3.68
N GLU A 68 -21.88 3.08 -4.49
CA GLU A 68 -22.87 4.13 -4.25
CA GLU A 68 -22.83 4.16 -4.20
C GLU A 68 -23.60 3.94 -2.91
N ALA A 69 -23.87 2.68 -2.58
CA ALA A 69 -24.57 2.35 -1.36
C ALA A 69 -23.70 2.66 -0.13
N LEU A 70 -22.40 2.33 -0.18
CA LEU A 70 -21.49 2.64 0.91
C LEU A 70 -21.38 4.14 1.16
N VAL A 71 -21.16 4.93 0.10
CA VAL A 71 -20.99 6.38 0.24
C VAL A 71 -22.26 7.08 0.73
N ALA A 72 -23.40 6.65 0.19
CA ALA A 72 -24.72 7.17 0.55
C ALA A 72 -25.00 7.05 2.06
N ARG A 73 -24.29 6.17 2.76
CA ARG A 73 -24.43 6.01 4.19
C ARG A 73 -23.94 7.20 5.05
N PHE A 74 -23.01 8.02 4.50
CA PHE A 74 -22.34 9.09 5.23
C PHE A 74 -23.04 10.44 5.02
N PRO A 75 -23.38 11.15 6.14
CA PRO A 75 -24.07 12.41 5.99
C PRO A 75 -23.18 13.39 5.25
N ALA A 76 -23.78 14.25 4.44
CA ALA A 76 -23.00 15.24 3.63
C ALA A 76 -22.18 16.19 4.48
N GLN A 77 -22.66 16.42 5.71
CA GLN A 77 -22.00 17.33 6.64
C GLN A 77 -20.69 16.74 7.20
N ASP A 78 -20.54 15.43 7.14
CA ASP A 78 -19.28 14.77 7.53
C ASP A 78 -18.28 14.68 6.39
N GLU A 79 -17.00 14.60 6.75
CA GLU A 79 -15.94 14.45 5.77
CA GLU A 79 -15.94 14.43 5.76
C GLU A 79 -15.73 12.95 5.49
N LEU A 80 -15.62 12.65 4.20
CA LEU A 80 -15.31 11.32 3.71
C LEU A 80 -14.01 11.38 2.93
N ILE A 81 -12.99 10.66 3.43
CA ILE A 81 -11.71 10.53 2.75
C ILE A 81 -11.59 9.09 2.20
N VAL A 82 -11.67 8.95 0.88
CA VAL A 82 -11.56 7.65 0.21
C VAL A 82 -10.14 7.49 -0.33
N ILE A 83 -9.51 6.38 0.02
CA ILE A 83 -8.18 6.03 -0.47
CA ILE A 83 -8.19 6.05 -0.49
C ILE A 83 -8.30 4.69 -1.19
N THR A 84 -8.04 4.71 -2.49
CA THR A 84 -8.17 3.54 -3.33
C THR A 84 -6.80 2.96 -3.61
N ASP A 85 -6.79 1.68 -4.03
CA ASP A 85 -5.52 1.00 -4.34
C ASP A 85 -4.72 1.64 -5.48
N ILE A 86 -5.41 1.97 -6.57
CA ILE A 86 -4.64 2.49 -7.73
C ILE A 86 -5.43 3.38 -8.64
N PHE A 87 -4.75 4.47 -9.06
CA PHE A 87 -5.31 5.39 -9.98
C PHE A 87 -5.55 4.73 -11.37
N ALA A 88 -6.69 5.01 -11.97
CA ALA A 88 -7.03 4.49 -13.33
C ALA A 88 -7.54 3.04 -13.29
N GLY A 89 -7.36 2.39 -12.16
CA GLY A 89 -8.03 1.12 -11.93
C GLY A 89 -9.53 1.31 -11.77
N SER A 90 -10.27 0.21 -11.86
CA SER A 90 -11.73 0.25 -11.80
C SER A 90 -12.30 0.72 -10.47
N VAL A 91 -11.64 0.39 -9.37
CA VAL A 91 -12.10 0.85 -8.08
C VAL A 91 -11.97 2.36 -7.97
N ASN A 92 -10.81 2.93 -8.33
CA ASN A 92 -10.73 4.38 -8.28
C ASN A 92 -11.79 5.01 -9.17
N ASN A 93 -11.92 4.46 -10.37
CA ASN A 93 -12.86 4.97 -11.37
C ASN A 93 -14.27 5.13 -10.80
N GLU A 94 -14.75 4.12 -10.08
CA GLU A 94 -16.07 4.19 -9.56
C GLU A 94 -16.28 5.33 -8.54
N PHE A 95 -15.21 5.86 -7.94
CA PHE A 95 -15.31 6.89 -6.92
C PHE A 95 -15.18 8.31 -7.48
N VAL A 96 -14.61 8.42 -8.68
CA VAL A 96 -14.43 9.72 -9.33
C VAL A 96 -15.74 10.53 -9.43
N ARG A 97 -16.87 9.83 -9.52
CA ARG A 97 -18.16 10.50 -9.69
C ARG A 97 -18.57 11.30 -8.46
N PHE A 98 -18.04 10.92 -7.30
CA PHE A 98 -18.38 11.58 -6.03
C PHE A 98 -17.63 12.85 -5.73
N LEU A 99 -16.78 13.30 -6.64
CA LEU A 99 -16.19 14.61 -6.43
C LEU A 99 -17.24 15.76 -6.43
N SER A 100 -18.50 15.48 -6.78
CA SER A 100 -19.59 16.47 -6.61
C SER A 100 -20.17 16.49 -5.17
N ARG A 101 -19.81 15.52 -4.33
CA ARG A 101 -20.23 15.53 -2.92
CA ARG A 101 -20.26 15.54 -2.94
C ARG A 101 -19.47 16.61 -2.17
N PRO A 102 -20.14 17.33 -1.27
CA PRO A 102 -19.33 18.20 -0.44
C PRO A 102 -18.50 17.37 0.56
N HIS A 103 -17.36 17.90 0.93
CA HIS A 103 -16.49 17.31 1.95
C HIS A 103 -15.97 15.93 1.55
N PHE A 104 -15.94 15.66 0.25
CA PHE A 104 -15.46 14.40 -0.29
C PHE A 104 -14.05 14.55 -0.84
N HIS A 105 -13.19 13.60 -0.47
CA HIS A 105 -11.79 13.61 -0.84
C HIS A 105 -11.38 12.25 -1.33
N LEU A 106 -10.73 12.21 -2.50
CA LEU A 106 -10.34 10.97 -3.18
C LEU A 106 -8.84 10.96 -3.34
N LEU A 107 -8.18 10.04 -2.66
CA LEU A 107 -6.77 9.79 -2.83
C LEU A 107 -6.59 8.45 -3.54
N SER A 108 -5.63 8.38 -4.44
CA SER A 108 -5.31 7.13 -5.12
CA SER A 108 -5.32 7.14 -5.14
C SER A 108 -3.94 6.65 -4.76
N GLY A 109 -3.81 5.38 -4.37
CA GLY A 109 -2.49 4.78 -4.02
C GLY A 109 -2.31 4.43 -2.56
N LEU A 110 -3.26 3.69 -2.02
CA LEU A 110 -3.15 3.19 -0.68
C LEU A 110 -1.79 2.66 -0.31
N ASN A 111 -1.35 3.03 0.89
CA ASN A 111 -0.08 2.60 1.43
C ASN A 111 -0.05 2.95 2.90
N LEU A 112 0.77 2.27 3.64
CA LEU A 112 0.80 2.39 5.08
C LEU A 112 1.33 3.73 5.57
N PRO A 113 2.45 4.16 5.01
CA PRO A 113 2.89 5.43 5.57
C PRO A 113 1.81 6.50 5.45
N LEU A 114 1.13 6.57 4.32
CA LEU A 114 0.06 7.58 4.11
C LEU A 114 -1.02 7.56 5.16
N ILE A 115 -1.54 6.37 5.43
CA ILE A 115 -2.50 6.22 6.47
C ILE A 115 -2.01 6.61 7.88
N ILE A 116 -0.81 6.22 8.26
CA ILE A 116 -0.23 6.59 9.54
CA ILE A 116 -0.25 6.58 9.54
C ILE A 116 -0.09 8.12 9.67
N ASP A 117 0.40 8.78 8.62
CA ASP A 117 0.55 10.25 8.65
CA ASP A 117 0.57 10.23 8.68
C ASP A 117 -0.79 10.97 8.79
N LEU A 118 -1.80 10.51 8.06
CA LEU A 118 -3.17 11.03 8.18
C LEU A 118 -3.73 10.89 9.60
N LEU A 119 -3.55 9.72 10.20
CA LEU A 119 -4.09 9.46 11.52
C LEU A 119 -3.39 10.26 12.64
N ILE A 120 -2.05 10.35 12.59
CA ILE A 120 -1.23 11.25 13.45
C ILE A 120 -1.72 12.72 13.44
N SER A 121 -1.90 13.27 12.22
CA SER A 121 -2.40 14.63 12.04
C SER A 121 -3.91 14.76 12.03
N ALA A 122 -4.62 13.89 12.73
CA ALA A 122 -6.07 13.80 12.60
C ALA A 122 -6.86 14.95 13.25
N ALA A 123 -6.22 15.68 14.15
CA ALA A 123 -6.79 16.90 14.74
C ALA A 123 -6.80 18.07 13.76
N GLU A 124 -6.05 17.93 12.67
CA GLU A 124 -5.91 18.97 11.66
C GLU A 124 -7.28 19.31 11.01
N ASP A 125 -7.63 20.58 11.03
CA ASP A 125 -8.91 21.04 10.46
C ASP A 125 -8.84 21.50 8.99
N ASN A 126 -7.67 21.89 8.51
CA ASN A 126 -7.52 22.23 7.09
C ASN A 126 -7.33 20.91 6.35
N THR A 127 -8.40 20.40 5.76
CA THR A 127 -8.34 19.06 5.15
C THR A 127 -7.41 18.96 3.97
N GLU A 128 -7.29 20.07 3.25
CA GLU A 128 -6.35 20.18 2.11
CA GLU A 128 -6.39 20.14 2.12
C GLU A 128 -4.91 20.01 2.57
N LYS A 129 -4.58 20.68 3.68
CA LYS A 129 -3.25 20.64 4.27
C LYS A 129 -2.95 19.26 4.80
N LEU A 130 -3.88 18.65 5.53
CA LEU A 130 -3.73 17.26 5.97
C LEU A 130 -3.33 16.28 4.84
N ILE A 131 -4.15 16.25 3.80
CA ILE A 131 -4.01 15.31 2.70
C ILE A 131 -2.71 15.57 1.88
N THR A 132 -2.47 16.81 1.49
CA THR A 132 -1.27 17.12 0.73
C THR A 132 0.00 16.83 1.53
N GLU A 133 0.07 17.28 2.80
CA GLU A 133 1.21 16.98 3.68
C GLU A 133 1.42 15.47 3.90
N ALA A 134 0.33 14.76 4.18
CA ALA A 134 0.41 13.32 4.32
C ALA A 134 0.94 12.65 3.04
N LEU A 135 0.44 13.05 1.89
CA LEU A 135 0.91 12.50 0.64
C LEU A 135 2.38 12.79 0.42
N THR A 136 2.78 14.02 0.72
CA THR A 136 4.22 14.36 0.59
C THR A 136 5.11 13.52 1.50
N ASN A 137 4.72 13.39 2.76
CA ASN A 137 5.49 12.64 3.78
CA ASN A 137 5.52 12.65 3.72
C ASN A 137 5.49 11.14 3.45
N ALA A 138 4.36 10.65 2.93
CA ALA A 138 4.25 9.25 2.49
C ALA A 138 5.19 8.94 1.33
N LYS A 139 5.18 9.81 0.33
CA LYS A 139 6.04 9.62 -0.83
C LYS A 139 7.54 9.64 -0.45
N GLU A 140 7.91 10.47 0.52
CA GLU A 140 9.29 10.53 1.00
C GLU A 140 9.69 9.20 1.62
N SER A 141 8.75 8.60 2.35
CA SER A 141 8.92 7.28 2.99
C SER A 141 9.02 6.04 2.06
N ILE A 142 8.43 6.14 0.86
CA ILE A 142 8.50 5.10 -0.18
C ILE A 142 9.87 5.21 -0.87
N GLN A 143 10.73 4.22 -0.68
CA GLN A 143 12.14 4.42 -1.04
C GLN A 143 12.87 3.14 -1.34
N TYR A 144 14.00 3.28 -2.01
CA TYR A 144 14.88 2.18 -2.33
C TYR A 144 15.93 2.14 -1.19
N CYS A 145 15.76 1.26 -0.23
CA CYS A 145 16.65 1.27 0.92
C CYS A 145 18.16 1.06 0.67
N ASN A 146 18.54 0.37 -0.42
CA ASN A 146 19.93 0.06 -0.69
C ASN A 146 20.61 1.41 -0.93
N GLN A 147 19.81 2.37 -1.34
CA GLN A 147 20.41 3.71 -1.72
C GLN A 147 20.27 4.69 -0.54
N THR A 148 19.09 4.71 0.08
CA THR A 148 18.84 5.63 1.19
C THR A 148 19.63 5.28 2.47
N ILE A 149 19.65 3.99 2.85
CA ILE A 149 20.42 3.58 4.00
C ILE A 149 21.91 3.76 3.77
N ALA A 150 22.41 3.38 2.59
CA ALA A 150 23.79 3.63 2.18
C ALA A 150 24.24 5.10 2.34
N SER A 151 23.38 6.03 1.93
CA SER A 151 23.72 7.43 2.01
CA SER A 151 23.71 7.45 2.01
C SER A 151 23.86 7.87 3.47
N ALA A 152 22.90 7.46 4.32
CA ALA A 152 22.93 7.79 5.75
C ALA A 152 24.13 7.15 6.44
N ASN B 14 18.57 -26.38 -14.62
CA ASN B 14 17.13 -26.54 -15.02
C ASN B 14 16.77 -25.61 -16.20
N LEU B 15 16.58 -24.31 -15.90
CA LEU B 15 16.13 -23.26 -16.85
C LEU B 15 17.27 -22.24 -17.04
N TYR B 16 17.10 -21.25 -17.93
CA TYR B 16 18.07 -20.15 -18.05
C TYR B 16 17.38 -18.79 -18.02
N PHE B 17 18.12 -17.78 -17.58
CA PHE B 17 17.53 -16.49 -17.31
C PHE B 17 18.33 -15.38 -17.97
N GLN B 18 17.61 -14.38 -18.49
CA GLN B 18 18.24 -13.13 -18.91
CA GLN B 18 18.26 -13.13 -18.91
C GLN B 18 18.63 -12.41 -17.62
N GLY B 19 19.90 -12.50 -17.26
CA GLY B 19 20.39 -12.02 -15.98
C GLY B 19 20.17 -13.12 -14.95
N LYS B 21 17.48 -15.06 -12.02
CA LYS B 21 16.11 -15.30 -11.63
C LYS B 21 15.74 -14.27 -10.54
N ARG B 22 14.56 -13.64 -10.65
CA ARG B 22 14.09 -12.72 -9.63
C ARG B 22 13.02 -13.36 -8.75
N HIS B 23 13.14 -13.15 -7.43
CA HIS B 23 12.11 -13.56 -6.48
C HIS B 23 11.67 -12.28 -5.78
N TYR B 24 10.39 -12.20 -5.47
CA TYR B 24 9.81 -11.07 -4.77
CA TYR B 24 9.81 -11.08 -4.75
C TYR B 24 9.26 -11.49 -3.41
N ILE B 25 9.57 -10.70 -2.38
CA ILE B 25 8.95 -10.90 -1.06
C ILE B 25 8.14 -9.66 -0.75
N PHE B 26 6.84 -9.84 -0.48
CA PHE B 26 6.08 -8.77 0.18
C PHE B 26 6.06 -9.00 1.69
N ALA B 27 6.49 -8.01 2.46
CA ALA B 27 6.55 -8.15 3.92
C ALA B 27 5.82 -7.02 4.70
N SER B 28 4.91 -7.44 5.56
CA SER B 28 4.06 -6.49 6.30
C SER B 28 3.81 -6.86 7.77
N HIS B 29 3.40 -5.88 8.56
CA HIS B 29 2.75 -6.13 9.85
C HIS B 29 1.42 -6.66 9.43
N GLY B 30 0.97 -7.75 10.01
CA GLY B 30 -0.35 -8.19 9.65
C GLY B 30 -0.52 -8.65 8.22
N SER B 31 -1.73 -8.65 7.74
CA SER B 31 -2.07 -9.38 6.50
C SER B 31 -2.08 -8.56 5.24
N PHE B 32 -1.55 -7.35 5.35
CA PHE B 32 -1.42 -6.46 4.22
C PHE B 32 -0.76 -7.22 3.09
N ALA B 33 0.37 -7.88 3.32
CA ALA B 33 1.13 -8.51 2.25
C ALA B 33 0.29 -9.52 1.44
N ASN B 34 -0.49 -10.38 2.09
CA ASN B 34 -1.37 -11.26 1.35
CA ASN B 34 -1.38 -11.27 1.35
C ASN B 34 -2.48 -10.50 0.60
N GLY B 35 -3.05 -9.47 1.21
CA GLY B 35 -4.11 -8.74 0.56
C GLY B 35 -3.64 -8.00 -0.69
N LEU B 36 -2.47 -7.39 -0.60
CA LEU B 36 -1.89 -6.75 -1.77
C LEU B 36 -1.57 -7.79 -2.88
N LEU B 37 -1.05 -8.96 -2.51
CA LEU B 37 -0.86 -10.01 -3.50
C LEU B 37 -2.17 -10.33 -4.24
N ASN B 38 -3.28 -10.38 -3.48
CA ASN B 38 -4.61 -10.62 -4.02
C ASN B 38 -4.98 -9.59 -5.09
N SER B 39 -4.79 -8.32 -4.77
CA SER B 39 -4.98 -7.23 -5.74
C SER B 39 -4.15 -7.49 -6.99
N VAL B 40 -2.87 -7.81 -6.81
CA VAL B 40 -1.95 -8.02 -7.95
C VAL B 40 -2.43 -9.12 -8.86
N GLU B 41 -2.91 -10.20 -8.25
CA GLU B 41 -3.33 -11.36 -9.00
C GLU B 41 -4.67 -11.14 -9.72
N LEU B 42 -5.53 -10.30 -9.13
CA LEU B 42 -6.79 -9.90 -9.75
C LEU B 42 -6.54 -9.04 -11.00
N ILE B 43 -5.39 -8.39 -11.07
CA ILE B 43 -5.03 -7.53 -12.23
C ILE B 43 -4.10 -8.21 -13.22
N LEU B 44 -2.99 -8.71 -12.74
CA LEU B 44 -1.94 -9.29 -13.61
C LEU B 44 -1.88 -10.81 -13.61
N GLY B 45 -2.87 -11.47 -13.02
CA GLY B 45 -2.84 -12.91 -13.06
C GLY B 45 -1.97 -13.51 -11.96
N LYS B 46 -1.97 -14.84 -11.87
CA LYS B 46 -1.25 -15.51 -10.80
C LYS B 46 0.24 -15.22 -10.85
N GLN B 47 0.85 -15.11 -9.69
CA GLN B 47 2.25 -14.69 -9.59
C GLN B 47 3.08 -15.63 -8.70
N PRO B 48 3.65 -16.68 -9.30
CA PRO B 48 4.39 -17.70 -8.54
C PRO B 48 5.69 -17.27 -7.87
N ASP B 49 6.32 -16.20 -8.36
CA ASP B 49 7.58 -15.75 -7.76
C ASP B 49 7.42 -14.61 -6.72
N ILE B 50 6.20 -14.42 -6.22
CA ILE B 50 5.94 -13.49 -5.14
C ILE B 50 5.65 -14.30 -3.87
N HIS B 51 6.35 -13.99 -2.81
CA HIS B 51 6.20 -14.68 -1.55
C HIS B 51 5.82 -13.65 -0.50
N THR B 52 5.01 -14.03 0.48
CA THR B 52 4.60 -13.05 1.46
C THR B 52 5.10 -13.43 2.84
N LEU B 53 5.40 -12.39 3.62
CA LEU B 53 5.63 -12.49 5.03
C LEU B 53 4.68 -11.55 5.80
N CYS B 54 3.77 -12.15 6.54
CA CYS B 54 2.82 -11.44 7.38
C CYS B 54 3.22 -11.58 8.86
N ALA B 55 3.73 -10.49 9.42
CA ALA B 55 4.36 -10.50 10.74
C ALA B 55 3.30 -10.27 11.84
N TYR B 56 3.51 -10.93 12.98
CA TYR B 56 2.64 -10.85 14.16
C TYR B 56 1.19 -11.21 13.93
N VAL B 57 0.95 -12.23 13.10
CA VAL B 57 -0.38 -12.85 13.03
C VAL B 57 -0.40 -14.18 13.85
N GLU B 58 0.71 -14.48 14.54
CA GLU B 58 0.80 -15.64 15.45
C GLU B 58 1.86 -15.36 16.54
N GLU B 59 1.40 -15.12 17.78
CA GLU B 59 2.28 -14.70 18.88
C GLU B 59 3.50 -15.59 19.14
N GLU B 60 3.41 -16.87 18.78
CA GLU B 60 4.51 -17.81 18.99
C GLU B 60 5.76 -17.53 18.13
N VAL B 61 5.57 -16.88 16.97
CA VAL B 61 6.62 -16.75 15.92
C VAL B 61 7.51 -15.48 16.09
N ASP B 62 8.80 -15.69 16.25
CA ASP B 62 9.76 -14.60 16.40
C ASP B 62 10.06 -13.99 15.02
N LEU B 63 10.06 -12.66 14.93
CA LEU B 63 10.17 -11.98 13.64
C LEU B 63 11.56 -12.16 13.02
N THR B 64 12.61 -12.06 13.85
CA THR B 64 13.97 -12.33 13.36
C THR B 64 14.04 -13.72 12.74
N GLN B 65 13.48 -14.74 13.39
CA GLN B 65 13.54 -16.09 12.85
CA GLN B 65 13.50 -16.10 12.86
C GLN B 65 12.74 -16.17 11.55
N GLN B 66 11.58 -15.53 11.52
CA GLN B 66 10.67 -15.52 10.37
C GLN B 66 11.34 -14.93 9.11
N VAL B 67 11.97 -13.75 9.27
CA VAL B 67 12.69 -13.01 8.20
C VAL B 67 14.00 -13.67 7.78
N GLU B 68 14.82 -14.03 8.75
CA GLU B 68 16.09 -14.71 8.49
CA GLU B 68 16.09 -14.67 8.45
C GLU B 68 15.87 -16.05 7.85
N ALA B 69 14.89 -16.83 8.34
CA ALA B 69 14.67 -18.14 7.72
C ALA B 69 14.23 -18.01 6.25
N LEU B 70 13.34 -17.06 5.97
CA LEU B 70 12.82 -16.86 4.64
C LEU B 70 13.94 -16.45 3.69
N VAL B 71 14.79 -15.53 4.12
CA VAL B 71 15.85 -15.03 3.24
C VAL B 71 16.92 -16.11 2.96
N ALA B 72 17.19 -16.94 3.96
CA ALA B 72 18.19 -17.98 3.85
C ALA B 72 17.79 -19.09 2.86
N ARG B 73 16.49 -19.21 2.57
CA ARG B 73 15.94 -20.19 1.60
CA ARG B 73 15.95 -20.19 1.60
C ARG B 73 16.27 -19.85 0.15
N PHE B 74 16.50 -18.58 -0.15
CA PHE B 74 16.73 -18.23 -1.57
C PHE B 74 18.17 -18.48 -2.04
N PRO B 75 18.36 -19.05 -3.24
CA PRO B 75 19.71 -19.25 -3.78
C PRO B 75 20.48 -17.94 -3.84
N ALA B 76 21.74 -17.95 -3.42
CA ALA B 76 22.59 -16.73 -3.40
C ALA B 76 22.88 -16.17 -4.79
N GLN B 77 22.64 -16.95 -5.84
CA GLN B 77 22.97 -16.48 -7.18
C GLN B 77 21.83 -15.70 -7.84
N ASP B 78 20.68 -15.75 -7.19
CA ASP B 78 19.48 -15.19 -7.69
C ASP B 78 19.24 -13.87 -7.01
N GLU B 79 18.38 -13.09 -7.65
CA GLU B 79 18.00 -11.78 -7.14
C GLU B 79 16.82 -11.87 -6.20
N LEU B 80 16.90 -11.17 -5.06
CA LEU B 80 15.82 -11.11 -4.06
C LEU B 80 15.40 -9.68 -3.88
N ILE B 81 14.16 -9.38 -4.29
CA ILE B 81 13.57 -8.06 -4.12
C ILE B 81 12.47 -8.10 -3.06
N VAL B 82 12.76 -7.48 -1.91
CA VAL B 82 11.86 -7.36 -0.79
C VAL B 82 11.21 -5.97 -0.78
N ILE B 83 9.88 -5.97 -0.67
CA ILE B 83 9.11 -4.77 -0.50
C ILE B 83 8.34 -4.78 0.82
N THR B 84 8.75 -3.90 1.72
CA THR B 84 8.11 -3.85 3.03
C THR B 84 7.04 -2.75 3.12
N ASP B 85 6.15 -2.95 4.09
CA ASP B 85 5.03 -2.04 4.36
C ASP B 85 5.46 -0.60 4.69
N ILE B 86 6.44 -0.47 5.57
CA ILE B 86 6.86 0.85 6.03
C ILE B 86 8.31 0.93 6.56
N PHE B 87 9.02 1.99 6.13
CA PHE B 87 10.37 2.14 6.52
C PHE B 87 10.62 2.24 8.02
N ALA B 88 9.85 3.03 8.75
CA ALA B 88 10.21 3.26 10.15
C ALA B 88 10.06 2.01 11.03
N GLY B 89 9.48 0.94 10.49
CA GLY B 89 8.97 -0.17 11.29
C GLY B 89 9.76 -1.44 11.46
N SER B 90 9.27 -2.31 12.32
CA SER B 90 9.99 -3.55 12.70
C SER B 90 10.29 -4.47 11.55
N VAL B 91 9.40 -4.53 10.57
CA VAL B 91 9.53 -5.47 9.48
C VAL B 91 10.67 -5.01 8.61
N ASN B 92 10.61 -3.75 8.19
CA ASN B 92 11.71 -3.26 7.40
C ASN B 92 13.02 -3.43 8.17
N ASN B 93 13.05 -2.91 9.38
CA ASN B 93 14.25 -2.94 10.17
C ASN B 93 14.95 -4.32 10.15
N GLU B 94 14.20 -5.44 10.16
CA GLU B 94 14.82 -6.76 10.12
C GLU B 94 15.51 -7.10 8.82
N PHE B 95 15.07 -6.53 7.71
CA PHE B 95 15.62 -6.85 6.41
C PHE B 95 16.85 -5.97 6.16
N VAL B 96 16.99 -4.89 6.94
CA VAL B 96 18.16 -3.96 6.70
C VAL B 96 19.51 -4.72 6.79
N ARG B 97 19.63 -5.71 7.69
CA ARG B 97 20.87 -6.55 7.77
C ARG B 97 21.32 -7.17 6.43
N PHE B 98 20.37 -7.43 5.52
CA PHE B 98 20.69 -8.10 4.24
C PHE B 98 21.17 -7.21 3.10
N LEU B 99 21.26 -5.92 3.37
CA LEU B 99 21.71 -4.95 2.36
C LEU B 99 23.11 -5.26 1.80
N SER B 100 23.95 -5.93 2.57
CA SER B 100 25.25 -6.33 2.05
C SER B 100 25.29 -7.74 1.46
N ARG B 101 24.19 -8.48 1.52
CA ARG B 101 24.10 -9.77 0.80
C ARG B 101 23.96 -9.52 -0.69
N PRO B 102 24.75 -10.19 -1.52
CA PRO B 102 24.71 -9.98 -2.96
C PRO B 102 23.35 -10.11 -3.57
N HIS B 103 23.03 -9.18 -4.48
CA HIS B 103 21.78 -9.24 -5.25
C HIS B 103 20.51 -9.14 -4.40
N PHE B 104 20.63 -8.54 -3.21
CA PHE B 104 19.49 -8.33 -2.33
C PHE B 104 19.10 -6.87 -2.50
N HIS B 105 17.80 -6.65 -2.66
CA HIS B 105 17.19 -5.34 -2.89
C HIS B 105 16.03 -5.14 -1.94
N LEU B 106 16.05 -4.02 -1.20
CA LEU B 106 15.04 -3.73 -0.20
C LEU B 106 14.36 -2.43 -0.55
N LEU B 107 13.04 -2.49 -0.67
CA LEU B 107 12.19 -1.33 -0.94
C LEU B 107 11.22 -1.23 0.18
N SER B 108 10.93 -0.01 0.62
CA SER B 108 9.97 0.21 1.69
CA SER B 108 9.93 0.16 1.65
C SER B 108 8.78 1.05 1.18
N GLY B 109 7.57 0.73 1.65
CA GLY B 109 6.34 1.43 1.25
C GLY B 109 5.50 0.66 0.23
N LEU B 110 5.28 -0.63 0.49
CA LEU B 110 4.43 -1.44 -0.33
C LEU B 110 3.21 -0.72 -0.83
N ASN B 111 2.92 -0.87 -2.13
CA ASN B 111 1.72 -0.27 -2.73
C ASN B 111 1.47 -0.89 -4.10
N LEU B 112 0.25 -0.76 -4.63
CA LEU B 112 -0.11 -1.45 -5.87
C LEU B 112 0.60 -0.92 -7.14
N PRO B 113 0.57 0.40 -7.33
CA PRO B 113 1.23 0.85 -8.59
C PRO B 113 2.68 0.40 -8.67
N LEU B 114 3.37 0.45 -7.54
CA LEU B 114 4.75 -0.03 -7.44
C LEU B 114 4.91 -1.45 -7.96
N ILE B 115 4.08 -2.35 -7.41
CA ILE B 115 4.19 -3.75 -7.84
C ILE B 115 3.83 -4.00 -9.29
N ILE B 116 2.76 -3.37 -9.76
CA ILE B 116 2.32 -3.51 -11.13
C ILE B 116 3.43 -3.07 -12.08
N ASP B 117 4.04 -1.95 -11.79
CA ASP B 117 5.10 -1.48 -12.69
C ASP B 117 6.29 -2.45 -12.73
N LEU B 118 6.74 -2.91 -11.56
CA LEU B 118 7.81 -3.91 -11.48
C LEU B 118 7.51 -5.17 -12.31
N LEU B 119 6.28 -5.69 -12.23
CA LEU B 119 5.99 -6.95 -12.91
C LEU B 119 5.82 -6.76 -14.41
N ILE B 120 5.18 -5.67 -14.82
CA ILE B 120 5.01 -5.34 -16.23
C ILE B 120 6.35 -5.03 -16.91
N SER B 121 7.35 -4.65 -16.12
CA SER B 121 8.60 -4.15 -16.64
C SER B 121 9.68 -5.19 -16.43
N ALA B 122 9.31 -6.41 -16.08
CA ALA B 122 10.23 -7.45 -15.63
C ALA B 122 11.29 -7.85 -16.60
N ALA B 123 11.09 -7.55 -17.89
CA ALA B 123 12.04 -7.88 -18.96
C ALA B 123 13.27 -6.96 -18.86
N GLU B 124 13.14 -5.83 -18.18
CA GLU B 124 14.31 -5.00 -17.83
C GLU B 124 15.35 -5.78 -17.01
N ASP B 125 16.53 -6.07 -17.56
CA ASP B 125 17.56 -6.76 -16.78
C ASP B 125 18.44 -5.89 -15.86
N ASN B 126 18.42 -4.57 -16.06
CA ASN B 126 19.10 -3.67 -15.14
C ASN B 126 18.21 -3.46 -13.92
N THR B 127 18.58 -4.10 -12.82
CA THR B 127 17.66 -4.15 -11.65
C THR B 127 17.51 -2.83 -10.95
N GLU B 128 18.56 -1.99 -11.01
CA GLU B 128 18.52 -0.70 -10.35
C GLU B 128 17.63 0.23 -11.12
N LYS B 129 17.67 0.08 -12.44
CA LYS B 129 16.81 0.82 -13.34
C LYS B 129 15.37 0.45 -13.11
N LEU B 130 15.12 -0.85 -13.06
CA LEU B 130 13.77 -1.38 -12.83
C LEU B 130 13.12 -0.80 -11.56
N ILE B 131 13.84 -0.92 -10.47
CA ILE B 131 13.35 -0.50 -9.17
C ILE B 131 13.25 1.03 -9.12
N THR B 132 14.20 1.79 -9.65
CA THR B 132 13.99 3.18 -9.45
C THR B 132 12.88 3.77 -10.31
N GLU B 133 12.71 3.23 -11.53
CA GLU B 133 11.67 3.62 -12.47
C GLU B 133 10.33 3.25 -11.90
N ALA B 134 10.29 2.11 -11.25
CA ALA B 134 8.98 1.67 -10.65
C ALA B 134 8.58 2.54 -9.44
N LEU B 135 9.53 2.84 -8.56
CA LEU B 135 9.32 3.74 -7.43
C LEU B 135 8.86 5.10 -7.93
N THR B 136 9.59 5.65 -8.90
CA THR B 136 9.17 6.88 -9.54
C THR B 136 7.79 6.89 -10.17
N ASN B 137 7.44 5.83 -10.90
CA ASN B 137 6.12 5.71 -11.52
CA ASN B 137 6.12 5.69 -11.51
C ASN B 137 5.05 5.58 -10.42
N ALA B 138 5.36 4.79 -9.41
CA ALA B 138 4.50 4.62 -8.25
C ALA B 138 4.19 5.96 -7.54
N LYS B 139 5.21 6.77 -7.31
CA LYS B 139 5.01 8.04 -6.61
C LYS B 139 4.20 9.03 -7.42
N GLU B 140 4.28 8.94 -8.73
CA GLU B 140 3.55 9.82 -9.66
CA GLU B 140 3.55 9.84 -9.58
C GLU B 140 2.08 9.47 -9.63
N SER B 141 1.83 8.18 -9.51
CA SER B 141 0.50 7.60 -9.52
C SER B 141 -0.24 7.81 -8.16
N ILE B 142 0.52 7.88 -7.07
CA ILE B 142 0.00 8.23 -5.75
C ILE B 142 -0.38 9.70 -5.72
N GLN B 143 -1.67 9.99 -5.61
CA GLN B 143 -2.16 11.36 -5.87
C GLN B 143 -3.49 11.72 -5.19
N TYR B 144 -3.69 13.04 -5.07
CA TYR B 144 -4.90 13.61 -4.50
C TYR B 144 -5.82 13.96 -5.68
N CYS B 145 -6.84 13.15 -5.90
CA CYS B 145 -7.59 13.30 -7.15
C CYS B 145 -8.42 14.58 -7.24
N ASN B 146 -8.83 15.15 -6.12
CA ASN B 146 -9.59 16.42 -6.13
C ASN B 146 -8.74 17.48 -6.83
N GLN B 147 -7.44 17.34 -6.73
CA GLN B 147 -6.51 18.29 -7.34
C GLN B 147 -6.05 17.89 -8.75
N THR B 148 -5.83 16.60 -9.00
CA THR B 148 -5.27 16.15 -10.28
C THR B 148 -6.35 15.90 -11.36
N ILE B 149 -7.59 15.63 -10.94
CA ILE B 149 -8.75 15.60 -11.83
C ILE B 149 -9.50 16.93 -11.64
N ALA B 150 -8.93 18.01 -12.18
CA ALA B 150 -9.44 19.38 -12.00
C ALA B 150 -8.46 20.42 -12.55
#